data_4XEL
#
_entry.id   4XEL
#
_cell.length_a   82.360
_cell.length_b   82.360
_cell.length_c   125.220
_cell.angle_alpha   90.000
_cell.angle_beta   90.000
_cell.angle_gamma   120.000
#
_symmetry.space_group_name_H-M   'P 63'
#
loop_
_entity.id
_entity.type
_entity.pdbx_description
1 polymer 'Inorganic pyrophosphatase'
2 non-polymer 'SODIUM ION'
3 non-polymer 'DODECAETHYLENE GLYCOL'
4 non-polymer 'CHLORIDE ION'
5 non-polymer 'MAGNESIUM ION'
6 water water
#
_entity_poly.entity_id   1
_entity_poly.type   'polypeptide(L)'
_entity_poly.pdbx_seq_one_letter_code
;MAHHHHHHMSYSKIPAGKDLPNDIYVAIEIPANHAPIKYEIDKDTDCLFVDRFMATPMFYPANYGFIPNTLADDGDPLDV
LVVTPYPVAPGSVIRARPVGVLHMTDEAGGDAKLIAVPHDKLSVLYKDVKEYTDLPALLLEQIKHFFENYKDLEKGKWVK
VEGWGNADAARAEITKAVAAFQK
;
_entity_poly.pdbx_strand_id   A,B
#
# COMPACT_ATOMS: atom_id res chain seq x y z
N SER A 10 -36.25 3.19 6.59
CA SER A 10 -35.18 2.18 6.60
C SER A 10 -34.02 2.59 7.50
N TYR A 11 -33.10 3.39 6.96
CA TYR A 11 -31.96 3.89 7.73
C TYR A 11 -32.07 5.39 8.01
N SER A 12 -33.26 5.96 7.84
CA SER A 12 -33.44 7.40 8.02
C SER A 12 -33.19 7.85 9.47
N LYS A 13 -33.50 6.99 10.43
CA LYS A 13 -33.33 7.32 11.84
C LYS A 13 -31.90 7.09 12.34
N ILE A 14 -30.98 6.74 11.43
CA ILE A 14 -29.57 6.68 11.77
C ILE A 14 -28.92 8.02 11.49
N PRO A 15 -28.28 8.62 12.50
CA PRO A 15 -27.56 9.87 12.21
C PRO A 15 -26.42 9.60 11.25
N ALA A 16 -25.93 10.63 10.57
CA ALA A 16 -24.78 10.45 9.69
C ALA A 16 -23.53 10.06 10.49
N GLY A 17 -23.52 10.36 11.79
CA GLY A 17 -22.45 9.93 12.67
C GLY A 17 -22.65 10.41 14.10
N LYS A 18 -21.87 9.86 15.03
CA LYS A 18 -21.99 10.29 16.43
C LYS A 18 -21.13 11.52 16.71
N ASP A 19 -20.24 11.85 15.79
CA ASP A 19 -19.35 12.99 15.96
C ASP A 19 -18.67 13.33 14.62
N LEU A 20 -19.37 14.14 13.81
CA LEU A 20 -18.95 14.34 12.43
C LEU A 20 -17.77 15.29 12.34
N PRO A 21 -16.93 15.14 11.30
CA PRO A 21 -17.03 14.14 10.22
C PRO A 21 -16.09 12.95 10.38
N ASN A 22 -15.40 12.83 11.51
CA ASN A 22 -14.42 11.74 11.64
C ASN A 22 -15.00 10.48 12.30
N ASP A 23 -16.23 10.58 12.77
CA ASP A 23 -16.91 9.48 13.44
C ASP A 23 -18.25 9.35 12.74
N ILE A 24 -18.37 8.40 11.81
CA ILE A 24 -19.58 8.27 10.99
C ILE A 24 -20.26 6.91 11.12
N TYR A 25 -21.49 6.83 10.62
CA TYR A 25 -22.21 5.55 10.48
C TYR A 25 -22.38 5.18 9.01
N VAL A 26 -21.99 3.96 8.66
CA VAL A 26 -22.06 3.49 7.28
C VAL A 26 -22.99 2.28 7.14
N ALA A 27 -24.10 2.46 6.44
CA ALA A 27 -25.02 1.38 6.13
C ALA A 27 -24.45 0.59 4.96
N ILE A 28 -24.27 -0.72 5.16
CA ILE A 28 -23.65 -1.57 4.13
C ILE A 28 -24.70 -2.24 3.22
N GLU A 29 -24.57 -1.98 1.92
CA GLU A 29 -25.44 -2.58 0.91
C GLU A 29 -24.86 -3.93 0.48
N ILE A 30 -23.56 -3.95 0.23
CA ILE A 30 -22.88 -5.07 -0.40
C ILE A 30 -21.63 -5.45 0.37
N PRO A 31 -21.55 -6.69 0.85
CA PRO A 31 -20.33 -7.11 1.58
C PRO A 31 -19.09 -7.23 0.70
N ALA A 32 -17.94 -7.03 1.32
CA ALA A 32 -16.65 -7.35 0.72
C ALA A 32 -16.70 -8.73 0.04
N ASN A 33 -16.02 -8.86 -1.11
CA ASN A 33 -15.91 -10.11 -1.87
C ASN A 33 -17.18 -10.59 -2.56
N HIS A 34 -18.20 -9.75 -2.56
CA HIS A 34 -19.39 -9.98 -3.38
C HIS A 34 -19.00 -10.01 -4.87
N ALA A 35 -19.80 -10.71 -5.67
CA ALA A 35 -19.58 -10.76 -7.12
C ALA A 35 -19.57 -9.35 -7.74
N PRO A 36 -18.94 -9.18 -8.93
CA PRO A 36 -18.90 -7.86 -9.56
C PRO A 36 -20.25 -7.49 -10.17
N ILE A 37 -21.15 -7.06 -9.30
CA ILE A 37 -22.49 -6.64 -9.70
C ILE A 37 -22.75 -5.26 -9.13
N LYS A 38 -23.13 -4.33 -10.01
CA LYS A 38 -23.44 -2.96 -9.63
C LYS A 38 -24.96 -2.85 -9.36
N TYR A 39 -25.30 -2.38 -8.17
CA TYR A 39 -26.70 -2.21 -7.79
C TYR A 39 -27.00 -0.73 -7.59
N GLU A 40 -28.28 -0.39 -7.49
CA GLU A 40 -28.70 0.92 -6.97
C GLU A 40 -29.98 0.78 -6.12
N ILE A 41 -30.11 1.65 -5.12
CA ILE A 41 -31.34 1.73 -4.36
C ILE A 41 -32.32 2.65 -5.07
N ASP A 42 -33.44 2.10 -5.50
CA ASP A 42 -34.49 2.90 -6.11
C ASP A 42 -35.24 3.65 -5.03
N LYS A 43 -35.05 4.96 -4.97
CA LYS A 43 -35.65 5.77 -3.92
C LYS A 43 -37.18 5.67 -3.92
N ASP A 44 -37.74 5.46 -5.10
CA ASP A 44 -39.21 5.44 -5.24
C ASP A 44 -39.84 4.17 -4.65
N THR A 45 -39.12 3.06 -4.68
CA THR A 45 -39.67 1.81 -4.19
C THR A 45 -38.93 1.28 -2.98
N ASP A 46 -37.80 1.90 -2.67
CA ASP A 46 -36.91 1.46 -1.59
C ASP A 46 -36.44 0.00 -1.77
N CYS A 47 -36.21 -0.41 -3.02
CA CYS A 47 -35.69 -1.76 -3.28
C CYS A 47 -34.34 -1.70 -3.96
N LEU A 48 -33.53 -2.73 -3.75
CA LEU A 48 -32.22 -2.81 -4.38
C LEU A 48 -32.33 -3.44 -5.78
N PHE A 49 -31.91 -2.70 -6.80
CA PHE A 49 -31.98 -3.21 -8.18
C PHE A 49 -30.61 -3.53 -8.75
N VAL A 50 -30.50 -4.58 -9.57
CA VAL A 50 -29.30 -4.79 -10.36
C VAL A 50 -29.23 -3.77 -11.50
N ASP A 51 -28.09 -3.08 -11.65
CA ASP A 51 -27.87 -2.17 -12.77
C ASP A 51 -27.03 -2.83 -13.86
N ARG A 52 -26.02 -3.59 -13.44
CA ARG A 52 -24.99 -4.09 -14.33
C ARG A 52 -24.27 -5.31 -13.77
N PHE A 53 -24.11 -6.34 -14.59
CA PHE A 53 -23.17 -7.41 -14.30
C PHE A 53 -21.86 -6.96 -14.93
N MET A 54 -20.91 -6.58 -14.08
CA MET A 54 -19.73 -5.86 -14.52
C MET A 54 -18.79 -6.77 -15.29
N ALA A 55 -18.14 -6.19 -16.30
CA ALA A 55 -17.23 -6.94 -17.17
C ALA A 55 -15.84 -6.99 -16.56
N THR A 56 -15.75 -7.57 -15.37
CA THR A 56 -14.47 -7.77 -14.69
C THR A 56 -14.51 -9.08 -13.89
N PRO A 57 -13.37 -9.76 -13.75
CA PRO A 57 -13.31 -10.91 -12.85
C PRO A 57 -13.17 -10.51 -11.39
N MET A 58 -12.86 -9.24 -11.15
CA MET A 58 -12.63 -8.74 -9.80
C MET A 58 -13.92 -8.73 -8.95
N PHE A 59 -13.79 -8.98 -7.65
CA PHE A 59 -14.94 -8.96 -6.75
C PHE A 59 -14.87 -7.71 -5.88
N TYR A 60 -15.93 -7.39 -5.14
CA TYR A 60 -15.90 -6.21 -4.28
C TYR A 60 -14.69 -6.23 -3.37
N PRO A 61 -13.83 -5.21 -3.48
CA PRO A 61 -12.58 -5.11 -2.73
C PRO A 61 -12.80 -4.81 -1.24
N ALA A 62 -13.95 -4.21 -0.92
CA ALA A 62 -14.32 -3.90 0.46
C ALA A 62 -15.84 -3.88 0.61
N ASN A 63 -16.35 -3.70 1.83
CA ASN A 63 -17.80 -3.58 2.02
C ASN A 63 -18.25 -2.26 1.40
N TYR A 64 -19.44 -2.21 0.82
CA TYR A 64 -19.90 -1.02 0.09
C TYR A 64 -21.29 -0.59 0.53
N GLY A 65 -21.43 0.70 0.85
CA GLY A 65 -22.73 1.27 1.17
C GLY A 65 -22.69 2.79 1.17
N PHE A 66 -23.28 3.39 2.21
CA PHE A 66 -23.46 4.84 2.24
C PHE A 66 -23.65 5.36 3.66
N ILE A 67 -23.47 6.67 3.82
CA ILE A 67 -23.79 7.34 5.08
C ILE A 67 -25.22 7.84 5.06
N PRO A 68 -26.05 7.40 6.02
CA PRO A 68 -27.44 7.87 6.11
C PRO A 68 -27.51 9.38 6.30
N ASN A 69 -28.58 10.01 5.81
CA ASN A 69 -28.78 11.46 5.95
C ASN A 69 -27.65 12.30 5.38
N THR A 70 -27.11 11.87 4.24
CA THR A 70 -26.19 12.71 3.48
C THR A 70 -26.72 12.88 2.06
N LEU A 71 -26.19 13.85 1.34
CA LEU A 71 -26.65 14.09 -0.01
C LEU A 71 -25.47 14.40 -0.91
N ALA A 72 -25.23 13.51 -1.87
CA ALA A 72 -24.18 13.71 -2.86
C ALA A 72 -24.76 14.31 -4.14
N ASP A 73 -23.87 14.66 -5.07
CA ASP A 73 -24.25 15.32 -6.31
C ASP A 73 -25.03 14.42 -7.27
N ASP A 74 -25.33 13.19 -6.87
CA ASP A 74 -26.12 12.32 -7.74
C ASP A 74 -27.49 12.03 -7.14
N GLY A 75 -27.80 12.74 -6.05
CA GLY A 75 -29.10 12.61 -5.41
C GLY A 75 -29.14 11.49 -4.40
N ASP A 76 -28.10 10.65 -4.43
CA ASP A 76 -27.94 9.54 -3.50
C ASP A 76 -27.07 9.97 -2.32
N PRO A 77 -27.21 9.25 -1.18
CA PRO A 77 -26.32 9.47 -0.03
C PRO A 77 -24.85 9.25 -0.39
N LEU A 78 -23.95 9.77 0.42
CA LEU A 78 -22.53 9.76 0.13
C LEU A 78 -22.04 8.31 0.16
N ASP A 79 -21.35 7.88 -0.90
CA ASP A 79 -20.83 6.50 -1.00
C ASP A 79 -19.60 6.28 -0.14
N VAL A 80 -19.51 5.10 0.48
CA VAL A 80 -18.37 4.74 1.32
C VAL A 80 -17.99 3.25 1.20
N LEU A 81 -16.69 2.97 1.12
CA LEU A 81 -16.18 1.61 1.23
C LEU A 81 -15.62 1.46 2.63
N VAL A 82 -15.96 0.35 3.29
CA VAL A 82 -15.47 0.14 4.65
C VAL A 82 -14.60 -1.11 4.69
N VAL A 83 -13.33 -0.92 5.03
CA VAL A 83 -12.37 -2.02 5.05
C VAL A 83 -12.51 -2.75 6.35
N THR A 84 -12.73 -4.06 6.30
CA THR A 84 -12.87 -4.87 7.50
C THR A 84 -12.05 -6.15 7.36
N PRO A 85 -11.76 -6.84 8.49
CA PRO A 85 -11.08 -8.15 8.47
C PRO A 85 -11.77 -9.18 7.58
N TYR A 86 -13.10 -9.21 7.66
CA TYR A 86 -13.94 -10.15 6.93
C TYR A 86 -15.23 -9.45 6.46
N PRO A 87 -15.94 -10.00 5.45
CA PRO A 87 -17.20 -9.37 5.02
C PRO A 87 -18.23 -9.31 6.15
N VAL A 88 -18.95 -8.20 6.24
CA VAL A 88 -20.01 -8.03 7.24
C VAL A 88 -21.35 -8.52 6.69
N ALA A 89 -22.37 -8.58 7.55
CA ALA A 89 -23.71 -8.93 7.10
C ALA A 89 -24.31 -7.83 6.24
N PRO A 90 -24.93 -8.21 5.11
CA PRO A 90 -25.69 -7.26 4.29
C PRO A 90 -26.70 -6.48 5.13
N GLY A 91 -26.72 -5.16 4.97
CA GLY A 91 -27.71 -4.36 5.68
C GLY A 91 -27.29 -3.92 7.08
N SER A 92 -26.15 -4.40 7.57
CA SER A 92 -25.73 -3.98 8.90
C SER A 92 -25.05 -2.60 8.86
N VAL A 93 -24.92 -1.98 10.03
CA VAL A 93 -24.36 -0.64 10.13
C VAL A 93 -23.04 -0.63 10.91
N ILE A 94 -22.01 -0.06 10.29
CA ILE A 94 -20.68 0.01 10.89
C ILE A 94 -20.30 1.43 11.27
N ARG A 95 -20.04 1.63 12.56
CA ARG A 95 -19.48 2.89 13.03
C ARG A 95 -18.06 2.97 12.51
N ALA A 96 -17.74 4.07 11.82
CA ALA A 96 -16.50 4.08 11.01
C ALA A 96 -15.74 5.40 11.08
N ARG A 97 -14.55 5.38 10.50
CA ARG A 97 -13.66 6.55 10.46
C ARG A 97 -13.07 6.69 9.05
N PRO A 98 -13.27 7.85 8.42
CA PRO A 98 -12.75 8.08 7.06
C PRO A 98 -11.22 8.18 7.02
N VAL A 99 -10.61 7.66 5.96
CA VAL A 99 -9.15 7.71 5.83
C VAL A 99 -8.70 8.21 4.47
N GLY A 100 -9.63 8.28 3.54
CA GLY A 100 -9.33 8.80 2.22
C GLY A 100 -10.52 8.75 1.29
N VAL A 101 -10.27 9.08 0.03
CA VAL A 101 -11.33 9.09 -0.96
C VAL A 101 -10.80 8.79 -2.36
N LEU A 102 -11.57 8.00 -3.12
CA LEU A 102 -11.28 7.84 -4.53
C LEU A 102 -12.18 8.79 -5.35
N HIS A 103 -11.57 9.65 -6.14
CA HIS A 103 -12.33 10.57 -6.97
C HIS A 103 -12.84 9.92 -8.26
N MET A 104 -14.14 10.02 -8.50
CA MET A 104 -14.74 9.59 -9.76
C MET A 104 -15.68 10.64 -10.33
N THR A 105 -15.64 10.78 -11.65
CA THR A 105 -16.67 11.54 -12.34
C THR A 105 -17.42 10.63 -13.29
N ASP A 106 -18.73 10.57 -13.13
CA ASP A 106 -19.58 10.04 -14.20
C ASP A 106 -19.79 11.19 -15.18
N GLU A 107 -20.44 10.92 -16.30
CA GLU A 107 -20.75 11.99 -17.25
C GLU A 107 -21.84 12.91 -16.69
N ALA A 108 -22.32 12.60 -15.48
CA ALA A 108 -23.36 13.37 -14.82
C ALA A 108 -22.83 14.24 -13.67
N GLY A 109 -21.55 14.11 -13.33
CA GLY A 109 -20.93 14.96 -12.33
C GLY A 109 -19.92 14.31 -11.40
N GLY A 110 -19.89 14.78 -10.15
CA GLY A 110 -19.00 14.23 -9.14
C GLY A 110 -19.55 12.94 -8.57
N ASP A 111 -18.66 12.10 -8.06
CA ASP A 111 -19.04 10.77 -7.65
C ASP A 111 -17.93 10.13 -6.83
N ALA A 112 -17.69 10.69 -5.65
CA ALA A 112 -16.63 10.26 -4.77
C ALA A 112 -16.94 8.92 -4.08
N LYS A 113 -15.93 8.11 -3.94
CA LYS A 113 -16.06 6.88 -3.17
C LYS A 113 -15.10 6.98 -2.00
N LEU A 114 -15.64 7.18 -0.80
CA LEU A 114 -14.82 7.31 0.39
C LEU A 114 -14.26 5.97 0.86
N ILE A 115 -13.11 6.01 1.54
CA ILE A 115 -12.50 4.84 2.16
C ILE A 115 -12.56 5.06 3.66
N ALA A 116 -13.12 4.11 4.39
CA ALA A 116 -13.20 4.22 5.84
C ALA A 116 -12.76 2.92 6.51
N VAL A 117 -12.35 3.00 7.77
CA VAL A 117 -12.03 1.79 8.52
C VAL A 117 -12.99 1.70 9.71
N PRO A 118 -13.05 0.55 10.41
CA PRO A 118 -13.88 0.53 11.62
C PRO A 118 -13.44 1.51 12.71
N HIS A 119 -14.42 2.06 13.41
CA HIS A 119 -14.17 2.91 14.57
C HIS A 119 -13.37 2.18 15.63
N ASP A 120 -12.50 2.90 16.33
CA ASP A 120 -11.70 2.31 17.41
C ASP A 120 -12.50 1.53 18.44
N LYS A 121 -13.80 1.82 18.61
CA LYS A 121 -14.63 1.08 19.56
C LYS A 121 -14.89 -0.36 19.10
N LEU A 122 -14.74 -0.61 17.81
CA LEU A 122 -15.14 -1.90 17.23
C LEU A 122 -13.99 -2.88 17.05
N SER A 123 -12.75 -2.36 17.06
CA SER A 123 -11.58 -3.16 16.76
C SER A 123 -10.31 -2.34 16.97
N VAL A 124 -9.25 -3.00 17.45
CA VAL A 124 -7.96 -2.32 17.61
C VAL A 124 -7.11 -2.33 16.33
N LEU A 125 -7.53 -3.11 15.34
CA LEU A 125 -6.63 -3.41 14.22
C LEU A 125 -6.31 -2.20 13.34
N TYR A 126 -7.25 -1.25 13.20
CA TYR A 126 -7.04 -0.14 12.29
C TYR A 126 -6.71 1.20 12.99
N LYS A 127 -6.48 1.14 14.31
CA LYS A 127 -6.25 2.35 15.12
C LYS A 127 -5.18 3.25 14.54
N ASP A 128 -4.13 2.66 13.98
CA ASP A 128 -3.04 3.46 13.45
C ASP A 128 -3.09 3.61 11.94
N VAL A 129 -4.22 3.22 11.35
CA VAL A 129 -4.49 3.53 9.96
C VAL A 129 -5.21 4.91 9.87
N LYS A 130 -4.43 5.95 9.64
CA LYS A 130 -4.95 7.33 9.64
C LYS A 130 -5.25 7.86 8.24
N GLU A 131 -4.47 7.41 7.26
CA GLU A 131 -4.65 7.76 5.86
C GLU A 131 -4.88 6.49 5.06
N TYR A 132 -5.49 6.62 3.87
CA TYR A 132 -5.70 5.47 2.99
C TYR A 132 -4.36 4.87 2.57
N THR A 133 -3.31 5.68 2.53
CA THR A 133 -2.00 5.15 2.12
C THR A 133 -1.37 4.26 3.20
N ASP A 134 -2.03 4.13 4.36
CA ASP A 134 -1.57 3.22 5.41
C ASP A 134 -2.07 1.81 5.14
N LEU A 135 -2.96 1.69 4.16
CA LEU A 135 -3.52 0.40 3.73
C LEU A 135 -2.63 -0.24 2.66
N PRO A 136 -2.72 -1.58 2.49
CA PRO A 136 -1.85 -2.26 1.52
C PRO A 136 -2.06 -1.71 0.10
N ALA A 137 -0.96 -1.54 -0.63
CA ALA A 137 -1.04 -0.99 -1.98
C ALA A 137 -1.88 -1.89 -2.87
N LEU A 138 -1.86 -3.19 -2.61
CA LEU A 138 -2.72 -4.12 -3.34
C LEU A 138 -4.17 -3.69 -3.26
N LEU A 139 -4.66 -3.47 -2.04
CA LEU A 139 -6.07 -3.11 -1.85
C LEU A 139 -6.43 -1.83 -2.61
N LEU A 140 -5.54 -0.86 -2.62
CA LEU A 140 -5.77 0.41 -3.30
C LEU A 140 -5.81 0.21 -4.82
N GLU A 141 -4.94 -0.65 -5.31
CA GLU A 141 -4.95 -0.99 -6.73
C GLU A 141 -6.29 -1.61 -7.11
N GLN A 142 -6.69 -2.64 -6.37
CA GLN A 142 -7.95 -3.33 -6.60
C GLN A 142 -9.16 -2.40 -6.56
N ILE A 143 -9.14 -1.48 -5.60
CA ILE A 143 -10.24 -0.54 -5.45
C ILE A 143 -10.33 0.30 -6.72
N LYS A 144 -9.19 0.81 -7.18
CA LYS A 144 -9.18 1.63 -8.37
C LYS A 144 -9.68 0.84 -9.58
N HIS A 145 -9.21 -0.39 -9.74
CA HIS A 145 -9.53 -1.18 -10.93
C HIS A 145 -10.99 -1.63 -10.94
N PHE A 146 -11.54 -1.88 -9.76
CA PHE A 146 -12.95 -2.22 -9.65
C PHE A 146 -13.86 -1.09 -10.16
N PHE A 147 -13.65 0.11 -9.65
CA PHE A 147 -14.55 1.21 -10.02
C PHE A 147 -14.31 1.75 -11.42
N GLU A 148 -13.17 1.41 -12.02
CA GLU A 148 -12.97 1.67 -13.45
C GLU A 148 -13.99 0.89 -14.29
N ASN A 149 -14.56 -0.16 -13.72
CA ASN A 149 -15.59 -0.95 -14.42
C ASN A 149 -17.01 -0.79 -13.84
N TYR A 150 -17.15 0.14 -12.90
CA TYR A 150 -18.42 0.36 -12.20
C TYR A 150 -19.34 1.31 -12.98
N LYS A 151 -19.98 0.81 -14.04
CA LYS A 151 -20.90 1.61 -14.84
C LYS A 151 -21.87 0.75 -15.65
N ASP A 152 -22.99 1.36 -16.02
CA ASP A 152 -24.05 0.72 -16.81
C ASP A 152 -23.62 0.54 -18.27
N LEU A 153 -24.39 -0.23 -19.02
CA LEU A 153 -24.09 -0.49 -20.42
C LEU A 153 -24.50 0.67 -21.36
N GLU A 154 -25.52 1.42 -20.96
CA GLU A 154 -26.05 2.50 -21.79
C GLU A 154 -24.97 3.47 -22.24
N LYS A 155 -24.92 3.73 -23.55
CA LYS A 155 -23.91 4.61 -24.13
C LYS A 155 -24.14 6.07 -23.70
N GLY A 156 -23.04 6.81 -23.58
CA GLY A 156 -23.08 8.20 -23.17
C GLY A 156 -21.86 8.59 -22.35
N VAL A 159 -18.28 7.33 -16.88
CA VAL A 159 -17.41 7.07 -15.73
C VAL A 159 -15.92 7.16 -16.03
N LYS A 160 -15.21 7.95 -15.22
CA LYS A 160 -13.76 8.06 -15.30
C LYS A 160 -13.19 8.19 -13.90
N VAL A 161 -12.12 7.43 -13.63
CA VAL A 161 -11.51 7.44 -12.31
C VAL A 161 -10.26 8.29 -12.28
N GLU A 162 -10.28 9.35 -11.47
CA GLU A 162 -9.14 10.25 -11.41
C GLU A 162 -8.17 9.75 -10.34
N GLY A 163 -7.96 10.53 -9.30
CA GLY A 163 -7.01 10.14 -8.28
C GLY A 163 -7.61 9.94 -6.90
N TRP A 164 -6.75 10.07 -5.88
CA TRP A 164 -7.13 9.89 -4.49
C TRP A 164 -7.03 11.19 -3.70
N GLY A 165 -7.88 11.36 -2.69
CA GLY A 165 -7.73 12.44 -1.73
C GLY A 165 -7.45 11.84 -0.36
N ASN A 166 -6.86 12.64 0.53
CA ASN A 166 -6.48 12.17 1.86
C ASN A 166 -7.64 12.17 2.85
N ALA A 167 -7.34 11.86 4.12
CA ALA A 167 -8.33 11.90 5.21
C ALA A 167 -9.06 13.23 5.34
N ASP A 168 -8.33 14.33 5.26
CA ASP A 168 -8.95 15.67 5.33
C ASP A 168 -9.97 15.86 4.21
N ALA A 169 -9.56 15.53 2.99
CA ALA A 169 -10.44 15.60 1.83
C ALA A 169 -11.69 14.73 1.99
N ALA A 170 -11.55 13.55 2.60
CA ALA A 170 -12.71 12.71 2.85
C ALA A 170 -13.64 13.39 3.87
N ARG A 171 -13.06 13.96 4.92
CA ARG A 171 -13.86 14.60 5.94
C ARG A 171 -14.57 15.83 5.36
N ALA A 172 -13.90 16.54 4.46
CA ALA A 172 -14.53 17.64 3.73
C ALA A 172 -15.72 17.16 2.90
N GLU A 173 -15.60 15.99 2.27
CA GLU A 173 -16.70 15.41 1.48
C GLU A 173 -17.90 15.10 2.36
N ILE A 174 -17.64 14.59 3.55
CA ILE A 174 -18.70 14.28 4.52
C ILE A 174 -19.44 15.53 5.00
N THR A 175 -18.69 16.52 5.47
CA THR A 175 -19.26 17.79 5.92
C THR A 175 -20.11 18.44 4.82
N LYS A 176 -19.60 18.44 3.60
CA LYS A 176 -20.35 18.96 2.46
C LYS A 176 -21.64 18.17 2.25
N ALA A 177 -21.52 16.84 2.37
CA ALA A 177 -22.63 15.92 2.15
C ALA A 177 -23.69 16.02 3.24
N VAL A 178 -23.25 16.30 4.45
CA VAL A 178 -24.18 16.47 5.56
C VAL A 178 -24.89 17.82 5.41
N ALA A 179 -24.14 18.87 5.10
CA ALA A 179 -24.73 20.18 4.89
C ALA A 179 -25.75 20.13 3.75
N ALA A 180 -25.40 19.39 2.70
CA ALA A 180 -26.28 19.25 1.53
C ALA A 180 -27.64 18.61 1.87
N PHE A 181 -27.66 17.75 2.88
CA PHE A 181 -28.88 17.01 3.23
C PHE A 181 -29.83 17.83 4.08
N GLN A 182 -29.27 18.61 4.99
CA GLN A 182 -30.06 19.44 5.89
C GLN A 182 -30.61 20.66 5.16
N LYS A 183 -30.15 20.86 3.93
CA LYS A 183 -30.58 21.97 3.10
C LYS A 183 -31.70 21.54 2.17
N SER B 10 34.48 -9.74 6.07
CA SER B 10 33.65 -9.30 7.20
C SER B 10 32.46 -10.24 7.42
N TYR B 11 31.66 -10.43 6.36
CA TYR B 11 30.51 -11.32 6.41
C TYR B 11 30.69 -12.52 5.47
N SER B 12 31.93 -12.80 5.09
CA SER B 12 32.21 -13.81 4.08
C SER B 12 31.82 -15.23 4.51
N LYS B 13 31.86 -15.49 5.82
CA LYS B 13 31.50 -16.82 6.32
C LYS B 13 29.98 -17.01 6.40
N ILE B 14 29.23 -15.95 6.11
CA ILE B 14 27.77 -16.03 6.05
C ILE B 14 27.32 -16.45 4.66
N PRO B 15 26.56 -17.56 4.56
CA PRO B 15 26.10 -17.93 3.23
C PRO B 15 25.05 -16.93 2.74
N ALA B 16 24.84 -16.88 1.43
CA ALA B 16 23.86 -15.94 0.88
C ALA B 16 22.45 -16.28 1.36
N GLY B 17 22.23 -17.55 1.66
CA GLY B 17 20.92 -17.97 2.15
C GLY B 17 20.93 -19.42 2.58
N LYS B 18 20.01 -19.77 3.46
CA LYS B 18 19.90 -21.14 3.97
C LYS B 18 19.15 -22.01 2.96
N ASP B 19 18.36 -21.35 2.11
CA ASP B 19 17.55 -22.06 1.13
C ASP B 19 17.14 -21.10 0.03
N LEU B 20 18.08 -20.83 -0.88
CA LEU B 20 17.89 -19.87 -1.96
C LEU B 20 16.83 -20.37 -2.94
N PRO B 21 16.10 -19.42 -3.57
CA PRO B 21 16.28 -17.97 -3.46
C PRO B 21 15.36 -17.30 -2.43
N ASN B 22 14.47 -18.09 -1.81
CA ASN B 22 13.42 -17.50 -0.97
C ASN B 22 13.73 -17.39 0.51
N ASP B 23 14.91 -17.87 0.90
CA ASP B 23 15.32 -17.86 2.29
C ASP B 23 16.77 -17.39 2.34
N ILE B 24 16.94 -16.10 2.63
CA ILE B 24 18.23 -15.43 2.51
C ILE B 24 18.75 -14.86 3.82
N TYR B 25 20.02 -14.47 3.82
CA TYR B 25 20.58 -13.69 4.93
C TYR B 25 20.93 -12.31 4.45
N VAL B 26 20.50 -11.30 5.19
CA VAL B 26 20.82 -9.91 4.85
C VAL B 26 21.63 -9.20 5.92
N ALA B 27 22.85 -8.81 5.57
CA ALA B 27 23.71 -8.02 6.45
C ALA B 27 23.23 -6.58 6.38
N ILE B 28 22.97 -5.97 7.52
CA ILE B 28 22.42 -4.61 7.52
C ILE B 28 23.54 -3.60 7.80
N GLU B 29 23.70 -2.62 6.93
CA GLU B 29 24.67 -1.54 7.11
CA GLU B 29 24.69 -1.57 7.18
C GLU B 29 24.01 -0.39 7.89
N ILE B 30 22.83 -0.02 7.42
CA ILE B 30 22.14 1.16 7.91
C ILE B 30 20.74 0.86 8.42
N PRO B 31 20.45 1.18 9.70
CA PRO B 31 19.11 0.88 10.22
C PRO B 31 18.04 1.78 9.63
N ALA B 32 16.79 1.31 9.66
CA ALA B 32 15.64 2.13 9.29
C ALA B 32 15.67 3.43 10.08
N ASN B 33 15.18 4.50 9.45
CA ASN B 33 15.07 5.84 10.03
C ASN B 33 16.41 6.54 10.27
N HIS B 34 17.51 5.95 9.79
CA HIS B 34 18.79 6.65 9.76
C HIS B 34 18.67 7.88 8.84
N ALA B 35 19.53 8.87 9.06
CA ALA B 35 19.59 10.11 8.27
C ALA B 35 19.81 9.85 6.77
N PRO B 36 19.40 10.81 5.90
CA PRO B 36 19.61 10.61 4.46
C PRO B 36 21.08 10.78 4.09
N ILE B 37 21.83 9.72 4.33
CA ILE B 37 23.24 9.70 4.02
C ILE B 37 23.49 8.44 3.24
N LYS B 38 24.13 8.58 2.09
CA LYS B 38 24.50 7.48 1.23
C LYS B 38 25.93 7.06 1.56
N TYR B 39 26.11 5.77 1.85
CA TYR B 39 27.43 5.25 2.15
C TYR B 39 27.82 4.20 1.12
N GLU B 40 29.09 3.79 1.14
CA GLU B 40 29.52 2.60 0.41
C GLU B 40 30.70 1.95 1.10
N ILE B 41 30.72 0.62 1.10
CA ILE B 41 31.82 -0.13 1.68
C ILE B 41 33.00 -0.06 0.75
N ASP B 42 34.14 0.39 1.24
CA ASP B 42 35.35 0.34 0.43
C ASP B 42 36.03 -1.02 0.61
N LYS B 43 36.02 -1.83 -0.45
CA LYS B 43 36.42 -3.23 -0.35
C LYS B 43 37.89 -3.44 0.04
N ASP B 44 38.76 -2.52 -0.37
CA ASP B 44 40.20 -2.64 -0.09
C ASP B 44 40.57 -2.31 1.36
N THR B 45 39.67 -1.62 2.06
CA THR B 45 39.92 -1.26 3.46
C THR B 45 38.91 -1.93 4.37
N ASP B 46 37.83 -2.41 3.77
CA ASP B 46 36.68 -2.94 4.50
C ASP B 46 36.10 -1.91 5.49
N CYS B 47 36.04 -0.64 5.08
CA CYS B 47 35.43 0.41 5.90
C CYS B 47 34.32 1.11 5.15
N LEU B 48 33.35 1.62 5.90
CA LEU B 48 32.21 2.32 5.34
C LEU B 48 32.46 3.82 5.17
N PHE B 49 32.34 4.29 3.93
CA PHE B 49 32.59 5.69 3.59
C PHE B 49 31.31 6.47 3.28
N VAL B 50 31.20 7.69 3.80
CA VAL B 50 30.14 8.61 3.37
C VAL B 50 30.38 8.99 1.91
N ASP B 51 29.37 8.76 1.06
CA ASP B 51 29.40 9.17 -0.36
C ASP B 51 28.66 10.48 -0.64
N ARG B 52 27.52 10.67 0.05
CA ARG B 52 26.64 11.80 -0.22
C ARG B 52 25.79 12.14 1.01
N PHE B 53 25.75 13.43 1.38
CA PHE B 53 24.67 13.89 2.26
C PHE B 53 23.53 14.28 1.35
N MET B 54 22.49 13.44 1.33
CA MET B 54 21.48 13.52 0.29
C MET B 54 20.61 14.75 0.49
N ALA B 55 20.16 15.36 -0.60
CA ALA B 55 19.40 16.61 -0.53
C ALA B 55 17.92 16.30 -0.48
N THR B 56 17.52 15.63 0.60
CA THR B 56 16.12 15.26 0.85
C THR B 56 15.91 15.23 2.35
N PRO B 57 14.73 15.65 2.81
CA PRO B 57 14.41 15.56 4.24
C PRO B 57 14.05 14.14 4.69
N MET B 58 13.87 13.22 3.75
CA MET B 58 13.39 11.87 4.05
C MET B 58 14.47 11.00 4.70
N PHE B 59 14.07 10.08 5.56
CA PHE B 59 15.03 9.22 6.25
C PHE B 59 14.95 7.82 5.65
N TYR B 60 15.93 6.96 5.95
CA TYR B 60 15.88 5.59 5.46
C TYR B 60 14.51 4.99 5.78
N PRO B 61 13.77 4.59 4.74
CA PRO B 61 12.41 4.08 4.90
C PRO B 61 12.41 2.62 5.41
N ALA B 62 13.55 1.94 5.35
CA ALA B 62 13.69 0.61 5.94
C ALA B 62 15.17 0.28 6.22
N ASN B 63 15.46 -0.83 6.87
CA ASN B 63 16.86 -1.20 7.13
C ASN B 63 17.54 -1.49 5.79
N TYR B 64 18.79 -1.09 5.63
CA TYR B 64 19.47 -1.20 4.34
C TYR B 64 20.78 -1.97 4.45
N GLY B 65 20.97 -2.96 3.57
CA GLY B 65 22.19 -3.72 3.53
C GLY B 65 22.38 -4.53 2.26
N PHE B 66 22.88 -5.75 2.41
CA PHE B 66 23.19 -6.61 1.27
C PHE B 66 23.16 -8.10 1.62
N ILE B 67 23.17 -8.93 0.59
CA ILE B 67 23.31 -10.36 0.80
C ILE B 67 24.77 -10.77 0.61
N PRO B 68 25.37 -11.37 1.65
CA PRO B 68 26.77 -11.82 1.58
C PRO B 68 26.97 -12.84 0.46
N ASN B 69 28.14 -12.82 -0.18
CA ASN B 69 28.47 -13.79 -1.22
C ASN B 69 27.50 -13.77 -2.40
N THR B 70 27.19 -12.55 -2.84
CA THR B 70 26.46 -12.31 -4.06
C THR B 70 27.22 -11.25 -4.84
N LEU B 71 26.94 -11.13 -6.12
CA LEU B 71 27.62 -10.14 -6.92
C LEU B 71 26.63 -9.46 -7.86
N ALA B 72 26.53 -8.13 -7.75
CA ALA B 72 25.74 -7.31 -8.68
C ALA B 72 26.65 -6.63 -9.70
N ASP B 73 26.06 -5.85 -10.59
CA ASP B 73 26.79 -5.22 -11.69
C ASP B 73 27.79 -4.14 -11.25
N ASP B 74 27.56 -3.54 -10.09
CA ASP B 74 28.42 -2.43 -9.67
C ASP B 74 29.62 -2.92 -8.87
N GLY B 75 29.79 -4.24 -8.82
CA GLY B 75 30.96 -4.83 -8.18
C GLY B 75 30.71 -5.24 -6.74
N ASP B 76 29.60 -4.78 -6.16
CA ASP B 76 29.25 -5.04 -4.77
C ASP B 76 28.16 -6.11 -4.66
N PRO B 77 28.00 -6.71 -3.47
CA PRO B 77 26.87 -7.63 -3.19
C PRO B 77 25.50 -7.00 -3.48
N LEU B 78 24.52 -7.85 -3.76
CA LEU B 78 23.17 -7.43 -4.10
C LEU B 78 22.53 -6.59 -2.98
N ASP B 79 21.91 -5.48 -3.34
CA ASP B 79 21.30 -4.57 -2.34
C ASP B 79 19.92 -5.00 -1.90
N VAL B 80 19.67 -4.92 -0.59
CA VAL B 80 18.39 -5.30 -0.02
C VAL B 80 17.88 -4.31 1.06
N LEU B 81 16.58 -4.01 1.02
CA LEU B 81 15.89 -3.32 2.11
C LEU B 81 15.09 -4.36 2.91
N VAL B 82 15.26 -4.40 4.23
CA VAL B 82 14.48 -5.33 5.04
C VAL B 82 13.49 -4.54 5.89
N VAL B 83 12.21 -4.78 5.67
CA VAL B 83 11.15 -4.11 6.42
C VAL B 83 11.00 -4.76 7.79
N THR B 84 11.08 -3.98 8.85
CA THR B 84 10.96 -4.54 10.21
C THR B 84 10.10 -3.63 11.09
N PRO B 85 9.58 -4.17 12.23
CA PRO B 85 8.73 -3.35 13.09
C PRO B 85 9.46 -2.11 13.61
N TYR B 86 10.75 -2.27 13.91
CA TYR B 86 11.61 -1.25 14.47
C TYR B 86 13.04 -1.37 13.86
N PRO B 87 13.84 -0.29 13.88
CA PRO B 87 15.21 -0.38 13.35
C PRO B 87 16.05 -1.42 14.10
N VAL B 88 16.86 -2.17 13.36
CA VAL B 88 17.74 -3.16 13.98
C VAL B 88 19.12 -2.56 14.23
N ALA B 89 19.96 -3.30 14.97
CA ALA B 89 21.33 -2.85 15.24
C ALA B 89 22.17 -2.85 13.96
N PRO B 90 22.98 -1.81 13.78
CA PRO B 90 23.87 -1.77 12.61
C PRO B 90 24.78 -2.99 12.59
N GLY B 91 24.97 -3.60 11.43
CA GLY B 91 25.88 -4.72 11.31
C GLY B 91 25.24 -6.06 11.62
N SER B 92 24.00 -6.06 12.10
CA SER B 92 23.36 -7.33 12.42
C SER B 92 22.86 -8.00 11.16
N VAL B 93 22.62 -9.30 11.24
CA VAL B 93 22.21 -10.12 10.10
C VAL B 93 20.80 -10.66 10.27
N ILE B 94 19.93 -10.34 9.32
CA ILE B 94 18.54 -10.78 9.36
C ILE B 94 18.23 -11.90 8.36
N ARG B 95 17.75 -13.04 8.87
CA ARG B 95 17.23 -14.08 8.01
C ARG B 95 15.94 -13.53 7.42
N ALA B 96 15.82 -13.53 6.10
CA ALA B 96 14.76 -12.78 5.45
C ALA B 96 14.18 -13.51 4.25
N ARG B 97 13.07 -12.96 3.74
CA ARG B 97 12.35 -13.51 2.59
C ARG B 97 12.06 -12.38 1.59
N PRO B 98 12.48 -12.56 0.33
CA PRO B 98 12.23 -11.48 -0.63
C PRO B 98 10.75 -11.36 -1.02
N VAL B 99 10.28 -10.16 -1.34
CA VAL B 99 8.87 -9.96 -1.74
C VAL B 99 8.70 -9.05 -2.95
N GLY B 100 9.79 -8.42 -3.38
CA GLY B 100 9.76 -7.59 -4.57
C GLY B 100 11.08 -6.87 -4.77
N VAL B 101 11.11 -5.95 -5.72
CA VAL B 101 12.33 -5.23 -6.07
C VAL B 101 12.03 -3.86 -6.67
N LEU B 102 12.86 -2.86 -6.34
CA LEU B 102 12.81 -1.58 -7.02
C LEU B 102 13.90 -1.49 -8.08
N HIS B 103 13.53 -1.30 -9.33
CA HIS B 103 14.51 -1.24 -10.42
C HIS B 103 15.09 0.16 -10.61
N MET B 104 16.41 0.28 -10.48
CA MET B 104 17.10 1.52 -10.80
C MET B 104 18.16 1.26 -11.84
N THR B 105 18.63 2.34 -12.45
CA THR B 105 19.78 2.28 -13.34
C THR B 105 20.66 3.49 -13.10
N ASP B 106 21.97 3.35 -13.35
CA ASP B 106 22.89 4.47 -13.26
C ASP B 106 23.89 4.44 -14.41
N GLU B 107 25.00 5.14 -14.23
CA GLU B 107 26.05 5.18 -15.26
C GLU B 107 26.63 3.80 -15.53
N ALA B 108 26.81 3.02 -14.47
CA ALA B 108 27.36 1.67 -14.57
C ALA B 108 26.40 0.72 -15.30
N GLY B 109 25.22 0.54 -14.73
CA GLY B 109 24.24 -0.35 -15.32
C GLY B 109 23.00 -0.50 -14.47
N GLY B 110 22.60 -1.74 -14.21
CA GLY B 110 21.41 -1.98 -13.41
C GLY B 110 21.72 -2.07 -11.94
N ASP B 111 20.95 -1.33 -11.14
CA ASP B 111 21.11 -1.35 -9.70
C ASP B 111 19.76 -1.67 -9.07
N ALA B 112 19.58 -2.93 -8.69
CA ALA B 112 18.33 -3.38 -8.11
C ALA B 112 18.31 -3.19 -6.60
N LYS B 113 17.22 -2.67 -6.08
CA LYS B 113 17.00 -2.63 -4.63
C LYS B 113 15.87 -3.58 -4.27
N LEU B 114 16.22 -4.75 -3.74
CA LEU B 114 15.23 -5.73 -3.32
C LEU B 114 14.45 -5.27 -2.08
N ILE B 115 13.20 -5.71 -2.00
CA ILE B 115 12.39 -5.53 -0.80
C ILE B 115 12.22 -6.88 -0.15
N ALA B 116 12.56 -6.97 1.13
CA ALA B 116 12.45 -8.23 1.87
C ALA B 116 11.79 -7.99 3.22
N VAL B 117 11.12 -9.02 3.74
CA VAL B 117 10.56 -9.01 5.09
C VAL B 117 11.28 -10.07 5.97
N PRO B 118 11.07 -10.02 7.32
CA PRO B 118 11.69 -11.06 8.15
C PRO B 118 11.22 -12.46 7.82
N HIS B 119 12.10 -13.44 7.97
CA HIS B 119 11.73 -14.85 7.84
C HIS B 119 10.70 -15.23 8.90
N ASP B 120 9.80 -16.15 8.55
CA ASP B 120 8.70 -16.58 9.44
C ASP B 120 9.17 -17.01 10.83
N LYS B 121 10.42 -17.49 10.92
CA LYS B 121 10.98 -17.97 12.19
C LYS B 121 11.34 -16.84 13.18
N LEU B 122 11.34 -15.61 12.69
CA LEU B 122 11.75 -14.45 13.50
C LEU B 122 10.54 -13.65 14.00
N SER B 123 9.39 -13.82 13.34
CA SER B 123 8.18 -13.02 13.61
C SER B 123 7.00 -13.62 12.86
N VAL B 124 5.79 -13.52 13.42
CA VAL B 124 4.59 -13.93 12.69
C VAL B 124 4.04 -12.79 11.85
N LEU B 125 4.55 -11.59 12.10
CA LEU B 125 3.89 -10.37 11.62
C LEU B 125 3.81 -10.25 10.10
N TYR B 126 4.80 -10.78 9.39
CA TYR B 126 4.85 -10.58 7.94
C TYR B 126 4.53 -11.84 7.13
N LYS B 127 3.98 -12.86 7.79
CA LYS B 127 3.85 -14.19 7.19
C LYS B 127 2.98 -14.18 5.95
N ASP B 128 1.95 -13.34 5.98
CA ASP B 128 1.02 -13.23 4.86
C ASP B 128 1.37 -12.06 3.94
N VAL B 129 2.51 -11.44 4.18
CA VAL B 129 3.09 -10.51 3.20
C VAL B 129 3.96 -11.31 2.22
N LYS B 130 3.43 -11.56 1.01
CA LYS B 130 4.09 -12.41 0.02
C LYS B 130 4.58 -11.60 -1.20
N GLU B 131 3.96 -10.44 -1.40
CA GLU B 131 4.35 -9.53 -2.48
C GLU B 131 4.57 -8.15 -1.88
N TYR B 132 5.42 -7.35 -2.50
CA TYR B 132 5.71 -6.03 -1.98
C TYR B 132 4.44 -5.21 -1.90
N THR B 133 3.46 -5.50 -2.78
CA THR B 133 2.20 -4.76 -2.77
C THR B 133 1.33 -5.05 -1.54
N ASP B 134 1.70 -6.05 -0.73
CA ASP B 134 1.01 -6.35 0.53
C ASP B 134 1.41 -5.37 1.64
N LEU B 135 2.46 -4.60 1.36
CA LEU B 135 2.96 -3.59 2.31
C LEU B 135 2.21 -2.27 2.12
N PRO B 136 2.18 -1.40 3.16
CA PRO B 136 1.42 -0.16 3.01
C PRO B 136 1.85 0.65 1.78
N ALA B 137 0.90 1.30 1.12
CA ALA B 137 1.23 2.12 -0.04
C ALA B 137 2.24 3.20 0.34
N LEU B 138 2.10 3.75 1.55
CA LEU B 138 3.02 4.80 2.02
C LEU B 138 4.49 4.34 2.00
N LEU B 139 4.75 3.15 2.52
CA LEU B 139 6.12 2.66 2.59
C LEU B 139 6.73 2.59 1.19
N LEU B 140 5.99 2.02 0.25
CA LEU B 140 6.46 1.91 -1.14
C LEU B 140 6.70 3.29 -1.75
N GLU B 141 5.79 4.24 -1.50
CA GLU B 141 6.00 5.62 -1.97
C GLU B 141 7.30 6.20 -1.41
N GLN B 142 7.53 6.01 -0.11
CA GLN B 142 8.72 6.57 0.52
C GLN B 142 9.99 5.93 0.01
N ILE B 143 9.93 4.63 -0.26
CA ILE B 143 11.09 3.93 -0.81
C ILE B 143 11.44 4.49 -2.19
N LYS B 144 10.45 4.66 -3.05
CA LYS B 144 10.72 5.18 -4.39
C LYS B 144 11.29 6.60 -4.31
N HIS B 145 10.75 7.42 -3.41
CA HIS B 145 11.16 8.82 -3.29
C HIS B 145 12.57 8.96 -2.72
N PHE B 146 12.91 8.09 -1.77
CA PHE B 146 14.22 8.06 -1.16
C PHE B 146 15.29 7.74 -2.21
N PHE B 147 15.09 6.67 -2.98
CA PHE B 147 16.12 6.29 -3.93
C PHE B 147 16.19 7.13 -5.20
N GLU B 148 15.22 8.04 -5.38
CA GLU B 148 15.36 9.04 -6.44
C GLU B 148 16.42 10.07 -6.09
N ASN B 149 16.76 10.17 -4.80
CA ASN B 149 17.84 11.06 -4.37
C ASN B 149 19.10 10.31 -3.94
N TYR B 150 19.12 9.01 -4.14
CA TYR B 150 20.25 8.18 -3.71
C TYR B 150 21.35 8.19 -4.78
N LYS B 151 22.11 9.28 -4.83
CA LYS B 151 23.16 9.45 -5.84
C LYS B 151 24.22 10.42 -5.37
N ASP B 152 25.44 10.27 -5.89
CA ASP B 152 26.56 11.17 -5.59
C ASP B 152 26.45 12.49 -6.33
N LEU B 153 27.15 13.50 -5.83
CA LEU B 153 27.24 14.78 -6.52
C LEU B 153 28.08 14.64 -7.78
N GLU B 154 28.97 13.64 -7.79
CA GLU B 154 29.98 13.41 -8.84
C GLU B 154 29.63 13.95 -10.23
N VAL B 159 21.44 8.64 -12.52
CA VAL B 159 20.69 7.64 -11.77
C VAL B 159 19.17 7.79 -11.98
N LYS B 160 18.54 6.71 -12.45
CA LYS B 160 17.11 6.73 -12.78
C LYS B 160 16.35 5.64 -12.05
N VAL B 161 15.26 6.03 -11.39
CA VAL B 161 14.39 5.04 -10.75
C VAL B 161 13.32 4.61 -11.74
N GLU B 162 13.38 3.35 -12.17
CA GLU B 162 12.37 2.80 -13.06
C GLU B 162 11.23 2.23 -12.23
N GLY B 163 10.64 1.13 -12.68
CA GLY B 163 9.50 0.56 -11.98
C GLY B 163 9.82 -0.45 -10.88
N TRP B 164 8.83 -1.26 -10.53
CA TRP B 164 8.97 -2.35 -9.58
C TRP B 164 8.89 -3.70 -10.28
N GLY B 165 9.28 -4.76 -9.59
CA GLY B 165 9.08 -6.12 -10.05
C GLY B 165 8.66 -6.96 -8.87
N ASN B 166 7.94 -8.05 -9.12
CA ASN B 166 7.38 -8.88 -8.05
C ASN B 166 8.40 -9.78 -7.35
N ALA B 167 7.90 -10.60 -6.44
CA ALA B 167 8.75 -11.50 -5.64
C ALA B 167 9.52 -12.48 -6.53
N ASP B 168 8.86 -12.93 -7.59
CA ASP B 168 9.51 -13.81 -8.56
C ASP B 168 10.74 -13.15 -9.15
N ALA B 169 10.60 -11.89 -9.57
CA ALA B 169 11.72 -11.18 -10.16
C ALA B 169 12.82 -10.94 -9.12
N ALA B 170 12.44 -10.70 -7.87
CA ALA B 170 13.40 -10.53 -6.79
C ALA B 170 14.19 -11.81 -6.61
N ARG B 171 13.50 -12.94 -6.59
CA ARG B 171 14.14 -14.23 -6.43
C ARG B 171 15.07 -14.50 -7.62
N ALA B 172 14.63 -14.12 -8.83
CA ALA B 172 15.46 -14.21 -10.03
C ALA B 172 16.76 -13.41 -9.88
N GLU B 173 16.67 -12.24 -9.28
CA GLU B 173 17.84 -11.39 -9.06
C GLU B 173 18.81 -12.09 -8.10
N ILE B 174 18.26 -12.68 -7.05
CA ILE B 174 19.03 -13.43 -6.07
C ILE B 174 19.76 -14.62 -6.73
N THR B 175 19.01 -15.44 -7.45
CA THR B 175 19.56 -16.56 -8.19
C THR B 175 20.68 -16.11 -9.12
N LYS B 176 20.43 -15.03 -9.85
CA LYS B 176 21.42 -14.44 -10.74
C LYS B 176 22.68 -13.96 -10.01
N ALA B 177 22.48 -13.21 -8.92
CA ALA B 177 23.60 -12.60 -8.19
C ALA B 177 24.51 -13.62 -7.51
N VAL B 178 23.92 -14.71 -7.01
CA VAL B 178 24.69 -15.75 -6.35
C VAL B 178 25.60 -16.49 -7.36
N ALA B 179 25.05 -16.78 -8.53
CA ALA B 179 25.80 -17.46 -9.57
C ALA B 179 26.90 -16.56 -10.11
N ALA B 180 26.60 -15.26 -10.23
CA ALA B 180 27.60 -14.31 -10.70
C ALA B 180 28.78 -14.25 -9.74
N PHE B 181 28.48 -14.43 -8.45
CA PHE B 181 29.52 -14.42 -7.42
C PHE B 181 30.39 -15.67 -7.53
N GLN B 182 29.77 -16.75 -7.98
CA GLN B 182 30.41 -18.05 -8.08
C GLN B 182 31.45 -18.12 -9.19
N LYS B 183 31.14 -17.49 -10.32
CA LYS B 183 31.95 -17.56 -11.54
C LYS B 183 33.44 -17.23 -11.30
#